data_1Z50
#
_entry.id   1Z50
#
_cell.length_a   137.661
_cell.length_b   137.661
_cell.length_c   184.917
_cell.angle_alpha   90.00
_cell.angle_beta   90.00
_cell.angle_gamma   120.00
#
_symmetry.space_group_name_H-M   'P 61 2 2'
#
loop_
_entity.id
_entity.type
_entity.pdbx_description
1 polymer Hemagglutinin-neuraminidase
2 branched 2-acetamido-2-deoxy-beta-D-glucopyranose-(1-4)-2-acetamido-2-deoxy-beta-D-glucopyranose
3 non-polymer 2-acetamido-2-deoxy-beta-D-glucopyranose
4 non-polymer 'CALCIUM ION'
5 non-polymer '2-DEOXY-2,3-DEHYDRO-N-ACETYL-NEURAMINIC ACID'
6 water water
#
_entity_poly.entity_id   1
_entity_poly.type   'polypeptide(L)'
_entity_poly.pdbx_seq_one_letter_code
;SPSESLITQKQIMSQAGSTGSNSGLGSITDLLNNILSVANQIIYNSAVALPLQLDTLESTLLTAIKSLQTSDKLEQNCSW
SAALINDNRYINGINQFYFSIAEGRNLTLGPLLNMPSFIPTATTPEGCTRIPSFSLTKTHWCYTHNVILNGCQDHVSSNQ
FVSMGIIEPTSAGFPFFRTLKTLYLSDGVNRKSCSISTVPGGCMMYCFVSTQPERDDYFSAAPPEQRIIIMYYNDTIVER
IINPPGVLDVWATLNPGTGSGVYYLGWVLFPIYGGVIKGTSLWNNQANKYFIPQMVAALCSQNQATQVQNAKSSYYSSWF
GNRMIQSGILACPLRQDLTNECLVLPFSNDQVLMGAEGRLYMYGDSVYYYQRSNSWWPMTMLYKVTITFTNGQPSAISAQ
NVPTQQVPRPGTGDCSATNRCPGFCLTGVYADAWLLTNPSSTSTFGSEATFTGSYLNTATQRINPTMYIANNTQIISSQQ
FGSSGQEAAYGHTTCFRDTGSVMVYCIYIIELSSSLLGQFQIVPFIRQVTLS
;
_entity_poly.pdbx_strand_id   A
#
loop_
_chem_comp.id
_chem_comp.type
_chem_comp.name
_chem_comp.formula
CA non-polymer 'CALCIUM ION' 'Ca 2'
DAN D-saccharide '2-DEOXY-2,3-DEHYDRO-N-ACETYL-NEURAMINIC ACID' 'C11 H17 N O8'
NAG D-saccharide, beta linking 2-acetamido-2-deoxy-beta-D-glucopyranose 'C8 H15 N O6'
#
# COMPACT_ATOMS: atom_id res chain seq x y z
N ILE A 85 -15.96 19.42 -2.43
CA ILE A 85 -14.60 19.70 -1.83
C ILE A 85 -14.61 19.58 -0.30
N ASN A 86 -13.48 19.17 0.27
CA ASN A 86 -13.40 19.00 1.72
C ASN A 86 -13.67 20.28 2.47
N ASP A 87 -14.09 20.13 3.72
CA ASP A 87 -14.39 21.26 4.60
C ASP A 87 -13.14 22.08 4.85
N ASN A 88 -13.30 23.36 5.17
CA ASN A 88 -12.16 24.24 5.45
C ASN A 88 -11.32 23.73 6.63
N ARG A 89 -11.90 22.82 7.39
CA ARG A 89 -11.21 22.26 8.55
C ARG A 89 -10.18 21.21 8.16
N TYR A 90 -10.19 20.77 6.92
CA TYR A 90 -9.27 19.74 6.50
C TYR A 90 -8.42 20.06 5.28
N ILE A 91 -8.86 21.00 4.45
CA ILE A 91 -8.11 21.32 3.26
C ILE A 91 -6.63 21.66 3.50
N ASN A 92 -6.29 22.11 4.71
CA ASN A 92 -4.90 22.43 4.99
C ASN A 92 -4.21 21.49 5.98
N GLY A 93 -4.80 20.32 6.21
CA GLY A 93 -4.19 19.37 7.13
C GLY A 93 -3.99 18.01 6.50
N ILE A 94 -3.81 18.00 5.19
CA ILE A 94 -3.66 16.76 4.45
C ILE A 94 -2.26 16.53 3.87
N ASN A 95 -1.82 15.26 3.92
CA ASN A 95 -0.52 14.84 3.41
C ASN A 95 0.64 15.64 3.96
N GLN A 96 0.86 15.53 5.27
CA GLN A 96 1.95 16.25 5.91
C GLN A 96 2.48 15.46 7.09
N PHE A 97 3.60 15.94 7.63
CA PHE A 97 4.18 15.35 8.83
C PHE A 97 3.52 16.24 9.88
N TYR A 98 2.71 15.66 10.75
CA TYR A 98 1.99 16.45 11.73
C TYR A 98 2.70 16.79 13.04
N PHE A 99 3.71 16.01 13.40
CA PHE A 99 4.41 16.25 14.65
C PHE A 99 5.92 16.38 14.53
N SER A 100 6.53 17.07 15.48
CA SER A 100 7.97 17.27 15.52
C SER A 100 8.57 16.06 16.23
N ILE A 101 9.85 15.81 16.00
CA ILE A 101 10.51 14.67 16.63
C ILE A 101 10.21 14.62 18.12
N ALA A 102 10.30 15.78 18.78
CA ALA A 102 10.05 15.87 20.21
C ALA A 102 8.62 15.47 20.57
N GLU A 103 7.66 15.88 19.75
CA GLU A 103 6.25 15.56 20.01
C GLU A 103 5.95 14.08 19.76
N GLY A 104 6.62 13.48 18.79
CA GLY A 104 6.38 12.08 18.49
C GLY A 104 6.58 11.20 19.69
N ARG A 105 7.46 11.61 20.60
CA ARG A 105 7.74 10.83 21.80
C ARG A 105 6.58 10.76 22.78
N ASN A 106 5.71 11.76 22.74
CA ASN A 106 4.58 11.83 23.65
C ASN A 106 3.24 11.63 22.96
N LEU A 107 3.20 10.75 21.96
CA LEU A 107 1.94 10.52 21.24
C LEU A 107 1.26 9.23 21.69
N THR A 108 -0.07 9.25 21.68
CA THR A 108 -0.87 8.11 22.10
C THR A 108 -2.22 8.02 21.32
N LEU A 109 -2.76 6.80 21.20
CA LEU A 109 -4.02 6.55 20.48
C LEU A 109 -5.27 6.78 21.34
N GLY A 110 -6.13 7.66 20.86
CA GLY A 110 -7.37 7.94 21.57
C GLY A 110 -8.35 6.83 21.35
N PRO A 111 -9.55 6.91 21.93
CA PRO A 111 -10.59 5.89 21.79
C PRO A 111 -11.11 5.88 20.36
N LEU A 112 -11.68 4.76 19.94
CA LEU A 112 -12.21 4.70 18.60
C LEU A 112 -13.52 5.51 18.60
N LEU A 113 -13.65 6.36 17.59
CA LEU A 113 -14.84 7.18 17.46
C LEU A 113 -15.81 6.52 16.48
N ASN A 114 -17.10 6.73 16.68
CA ASN A 114 -18.11 6.12 15.84
C ASN A 114 -18.68 7.05 14.79
N MET A 115 -18.46 6.72 13.52
CA MET A 115 -18.97 7.51 12.42
C MET A 115 -19.65 6.57 11.43
N PRO A 116 -20.49 7.11 10.53
CA PRO A 116 -21.15 6.23 9.56
C PRO A 116 -20.08 5.72 8.61
N SER A 117 -19.90 4.41 8.53
CA SER A 117 -18.89 3.84 7.66
C SER A 117 -19.22 4.15 6.20
N PHE A 118 -18.20 4.52 5.43
CA PHE A 118 -18.39 4.82 4.02
C PHE A 118 -17.95 3.65 3.14
N ILE A 119 -17.64 2.52 3.77
CA ILE A 119 -17.23 1.32 3.04
C ILE A 119 -18.38 0.32 3.11
N PRO A 120 -18.96 -0.01 1.94
CA PRO A 120 -20.08 -0.95 1.84
C PRO A 120 -19.84 -2.38 2.31
N THR A 121 -20.86 -2.93 2.93
CA THR A 121 -20.86 -4.27 3.47
C THR A 121 -21.51 -5.29 2.52
N ALA A 122 -21.12 -6.57 2.66
CA ALA A 122 -21.68 -7.62 1.84
C ALA A 122 -23.10 -7.92 2.37
N THR A 123 -23.96 -8.49 1.55
CA THR A 123 -25.32 -8.79 2.01
C THR A 123 -25.64 -10.28 2.05
N THR A 124 -24.60 -11.11 1.96
CA THR A 124 -24.75 -12.56 2.04
C THR A 124 -23.62 -13.06 2.93
N PRO A 125 -23.79 -14.25 3.51
CA PRO A 125 -22.76 -14.82 4.38
C PRO A 125 -21.44 -15.14 3.69
N GLU A 126 -21.52 -15.54 2.42
CA GLU A 126 -20.32 -15.91 1.70
C GLU A 126 -19.80 -14.84 0.75
N GLY A 127 -20.48 -13.70 0.69
CA GLY A 127 -20.02 -12.63 -0.17
C GLY A 127 -18.66 -12.17 0.32
N CYS A 128 -17.75 -11.88 -0.62
CA CYS A 128 -16.41 -11.44 -0.23
C CYS A 128 -16.00 -10.05 -0.72
N THR A 129 -15.68 -9.17 0.21
CA THR A 129 -15.20 -7.83 -0.12
C THR A 129 -13.76 -7.77 0.38
N ARG A 130 -12.81 -7.60 -0.52
CA ARG A 130 -11.41 -7.53 -0.13
C ARG A 130 -10.59 -6.61 -1.00
N ILE A 131 -9.36 -6.38 -0.57
CA ILE A 131 -8.38 -5.55 -1.27
C ILE A 131 -8.83 -4.11 -1.50
N PRO A 132 -8.84 -3.31 -0.43
CA PRO A 132 -9.25 -1.91 -0.54
C PRO A 132 -8.07 -1.04 -0.96
N SER A 133 -8.38 0.14 -1.46
CA SER A 133 -7.38 1.13 -1.84
C SER A 133 -8.03 2.45 -1.48
N PHE A 134 -7.30 3.34 -0.84
CA PHE A 134 -7.87 4.61 -0.42
C PHE A 134 -6.92 5.79 -0.66
N SER A 135 -7.43 6.84 -1.30
CA SER A 135 -6.61 8.02 -1.58
C SER A 135 -7.29 9.29 -1.05
N LEU A 136 -6.56 10.10 -0.29
CA LEU A 136 -7.12 11.33 0.25
C LEU A 136 -6.28 12.51 -0.18
N THR A 137 -6.95 13.58 -0.57
CA THR A 137 -6.21 14.71 -0.98
C THR A 137 -6.88 15.96 -0.48
N LYS A 138 -6.20 17.07 -0.68
CA LYS A 138 -6.71 18.36 -0.28
C LYS A 138 -8.20 18.54 -0.56
N THR A 139 -8.62 18.24 -1.78
CA THR A 139 -10.02 18.42 -2.16
C THR A 139 -11.00 17.30 -1.86
N HIS A 140 -10.57 16.04 -2.00
CA HIS A 140 -11.48 14.94 -1.72
C HIS A 140 -10.76 13.61 -1.52
N TRP A 141 -11.55 12.55 -1.36
CA TRP A 141 -11.01 11.20 -1.18
C TRP A 141 -11.62 10.21 -2.17
N CYS A 142 -10.88 9.16 -2.49
CA CYS A 142 -11.33 8.10 -3.39
C CYS A 142 -11.20 6.75 -2.67
N TYR A 143 -12.16 5.86 -2.85
CA TYR A 143 -12.10 4.55 -2.23
C TYR A 143 -12.59 3.46 -3.17
N THR A 144 -12.02 2.27 -3.02
CA THR A 144 -12.42 1.15 -3.86
C THR A 144 -12.01 -0.19 -3.26
N HIS A 145 -12.74 -1.24 -3.62
CA HIS A 145 -12.42 -2.59 -3.19
C HIS A 145 -13.07 -3.60 -4.11
N ASN A 146 -12.55 -4.82 -4.08
CA ASN A 146 -13.05 -5.89 -4.93
C ASN A 146 -14.19 -6.68 -4.28
N VAL A 147 -15.15 -7.07 -5.10
CA VAL A 147 -16.28 -7.85 -4.60
C VAL A 147 -16.45 -9.15 -5.38
N ILE A 148 -16.42 -10.27 -4.67
CA ILE A 148 -16.60 -11.57 -5.29
C ILE A 148 -17.87 -12.12 -4.64
N LEU A 149 -18.76 -12.66 -5.46
CA LEU A 149 -20.03 -13.17 -4.93
C LEU A 149 -19.98 -14.38 -4.00
N ASN A 150 -19.15 -15.38 -4.30
CA ASN A 150 -19.07 -16.54 -3.43
C ASN A 150 -17.65 -16.81 -2.97
N GLY A 151 -17.39 -16.59 -1.69
CA GLY A 151 -16.06 -16.82 -1.17
C GLY A 151 -15.07 -15.80 -1.70
N CYS A 152 -13.82 -15.94 -1.30
CA CYS A 152 -12.80 -14.99 -1.72
C CYS A 152 -11.87 -15.50 -2.79
N GLN A 153 -12.23 -16.60 -3.44
CA GLN A 153 -11.40 -17.12 -4.50
C GLN A 153 -12.22 -17.23 -5.76
N ASP A 154 -11.74 -16.58 -6.82
CA ASP A 154 -12.46 -16.61 -8.08
C ASP A 154 -11.54 -15.89 -9.03
N HIS A 155 -11.15 -16.50 -10.16
CA HIS A 155 -10.30 -15.81 -11.14
C HIS A 155 -11.02 -15.65 -12.48
N VAL A 156 -12.33 -15.50 -12.40
CA VAL A 156 -13.17 -15.35 -13.56
C VAL A 156 -14.10 -14.15 -13.36
N SER A 157 -14.73 -14.10 -12.18
CA SER A 157 -15.67 -13.05 -11.81
C SER A 157 -15.43 -12.26 -10.55
N SER A 158 -15.59 -10.96 -10.69
CA SER A 158 -15.50 -10.05 -9.58
C SER A 158 -15.93 -8.72 -10.10
N ASN A 159 -16.43 -7.89 -9.19
CA ASN A 159 -16.86 -6.56 -9.54
C ASN A 159 -16.01 -5.67 -8.66
N GLN A 160 -15.89 -4.41 -9.04
CA GLN A 160 -15.07 -3.49 -8.28
C GLN A 160 -15.90 -2.29 -7.85
N PHE A 161 -16.03 -2.10 -6.54
CA PHE A 161 -16.78 -0.98 -5.98
C PHE A 161 -15.90 0.25 -5.87
N VAL A 162 -16.38 1.38 -6.41
CA VAL A 162 -15.64 2.64 -6.34
C VAL A 162 -16.51 3.67 -5.65
N SER A 163 -15.90 4.51 -4.82
CA SER A 163 -16.62 5.51 -4.05
C SER A 163 -15.77 6.77 -3.94
N MET A 164 -16.40 7.92 -3.80
CA MET A 164 -15.65 9.16 -3.64
C MET A 164 -16.45 10.22 -2.91
N GLY A 165 -15.74 11.09 -2.18
CA GLY A 165 -16.41 12.13 -1.43
C GLY A 165 -15.50 13.10 -0.71
N ILE A 166 -16.03 13.71 0.35
CA ILE A 166 -15.30 14.70 1.12
C ILE A 166 -15.38 14.45 2.63
N ILE A 167 -14.58 15.20 3.37
CA ILE A 167 -14.57 15.09 4.82
C ILE A 167 -15.20 16.34 5.41
N GLU A 168 -16.09 16.18 6.36
CA GLU A 168 -16.71 17.32 7.01
C GLU A 168 -16.92 17.00 8.48
N PRO A 169 -16.74 18.00 9.36
CA PRO A 169 -16.90 17.86 10.80
C PRO A 169 -18.32 17.59 11.27
N THR A 170 -18.45 16.80 12.32
CA THR A 170 -19.75 16.47 12.90
C THR A 170 -19.88 17.32 14.16
N SER A 171 -21.06 17.35 14.76
CA SER A 171 -21.26 18.17 15.95
C SER A 171 -20.44 17.70 17.14
N ALA A 172 -19.90 16.48 17.06
CA ALA A 172 -19.07 15.95 18.14
C ALA A 172 -17.66 16.43 17.91
N GLY A 173 -17.44 17.03 16.75
CA GLY A 173 -16.12 17.54 16.42
C GLY A 173 -15.31 16.65 15.50
N PHE A 174 -15.59 15.35 15.45
CA PHE A 174 -14.78 14.52 14.56
C PHE A 174 -15.31 14.36 13.15
N PRO A 175 -14.46 13.87 12.23
CA PRO A 175 -14.78 13.67 10.82
C PRO A 175 -15.94 12.75 10.45
N PHE A 176 -16.44 12.98 9.25
CA PHE A 176 -17.50 12.20 8.65
C PHE A 176 -17.14 12.18 7.18
N PHE A 177 -16.89 11.01 6.64
CA PHE A 177 -16.56 10.90 5.22
C PHE A 177 -17.84 10.81 4.46
N ARG A 178 -18.19 11.94 3.84
CA ARG A 178 -19.42 12.07 3.08
C ARG A 178 -19.23 11.56 1.65
N THR A 179 -19.98 10.54 1.29
CA THR A 179 -19.90 9.99 -0.05
C THR A 179 -20.73 10.86 -0.99
N LEU A 180 -20.15 11.27 -2.10
CA LEU A 180 -20.86 12.10 -3.06
C LEU A 180 -21.12 11.36 -4.38
N LYS A 181 -20.51 10.19 -4.53
CA LYS A 181 -20.71 9.40 -5.73
C LYS A 181 -20.31 7.97 -5.47
N THR A 182 -20.98 7.05 -6.13
CA THR A 182 -20.73 5.64 -5.99
C THR A 182 -20.71 5.01 -7.37
N LEU A 183 -19.89 3.97 -7.54
CA LEU A 183 -19.80 3.27 -8.81
C LEU A 183 -19.55 1.82 -8.54
N TYR A 184 -20.10 0.97 -9.39
CA TYR A 184 -19.90 -0.45 -9.23
C TYR A 184 -19.59 -1.01 -10.61
N LEU A 185 -18.30 -1.13 -10.92
CA LEU A 185 -17.87 -1.66 -12.21
C LEU A 185 -18.18 -3.15 -12.20
N SER A 186 -19.26 -3.50 -12.89
CA SER A 186 -19.69 -4.89 -12.98
C SER A 186 -20.02 -5.13 -14.44
N ASP A 187 -19.09 -5.72 -15.18
CA ASP A 187 -19.33 -5.94 -16.61
C ASP A 187 -18.64 -7.15 -17.22
N GLY A 188 -18.04 -8.01 -16.40
CA GLY A 188 -17.37 -9.17 -16.95
C GLY A 188 -15.85 -9.06 -17.00
N VAL A 189 -15.32 -7.84 -16.99
CA VAL A 189 -13.87 -7.70 -16.98
C VAL A 189 -13.41 -7.87 -15.54
N ASN A 190 -12.58 -8.87 -15.30
CA ASN A 190 -12.12 -9.17 -13.95
C ASN A 190 -10.93 -8.30 -13.51
N ARG A 191 -11.26 -7.07 -13.10
CA ARG A 191 -10.27 -6.11 -12.63
C ARG A 191 -9.82 -6.50 -11.24
N LYS A 192 -8.51 -6.67 -11.05
CA LYS A 192 -7.98 -7.07 -9.74
C LYS A 192 -6.79 -6.26 -9.27
N SER A 193 -6.47 -6.42 -7.99
CA SER A 193 -5.32 -5.76 -7.38
C SER A 193 -5.33 -4.26 -7.72
N CYS A 194 -6.51 -3.67 -7.83
CA CYS A 194 -6.62 -2.27 -8.17
C CYS A 194 -6.07 -1.28 -7.16
N SER A 195 -5.40 -0.26 -7.66
CA SER A 195 -4.86 0.81 -6.83
C SER A 195 -5.62 2.04 -7.28
N ILE A 196 -6.02 2.89 -6.35
CA ILE A 196 -6.73 4.10 -6.73
C ILE A 196 -5.98 5.33 -6.28
N SER A 197 -6.21 6.44 -6.99
CA SER A 197 -5.58 7.70 -6.67
C SER A 197 -6.45 8.88 -7.01
N THR A 198 -6.43 9.86 -6.13
CA THR A 198 -7.14 11.09 -6.31
C THR A 198 -6.49 11.81 -7.47
N VAL A 199 -7.28 12.56 -8.24
CA VAL A 199 -6.77 13.36 -9.34
C VAL A 199 -7.69 14.57 -9.40
N PRO A 200 -7.23 15.69 -9.96
CA PRO A 200 -8.11 16.85 -10.03
C PRO A 200 -9.47 16.48 -10.63
N GLY A 201 -10.53 16.62 -9.86
CA GLY A 201 -11.86 16.33 -10.35
C GLY A 201 -12.35 14.89 -10.41
N GLY A 202 -11.63 13.96 -9.80
CA GLY A 202 -12.08 12.58 -9.84
C GLY A 202 -11.09 11.60 -9.27
N CYS A 203 -11.16 10.36 -9.76
CA CYS A 203 -10.27 9.31 -9.33
C CYS A 203 -9.68 8.62 -10.53
N MET A 204 -8.48 8.11 -10.39
CA MET A 204 -7.85 7.34 -11.45
C MET A 204 -7.53 6.01 -10.82
N MET A 205 -7.99 4.94 -11.43
CA MET A 205 -7.75 3.62 -10.88
C MET A 205 -6.96 2.75 -11.84
N TYR A 206 -6.04 1.98 -11.30
CA TYR A 206 -5.20 1.10 -12.10
C TYR A 206 -5.43 -0.34 -11.66
N CYS A 207 -5.78 -1.19 -12.62
CA CYS A 207 -6.04 -2.60 -12.35
C CYS A 207 -5.45 -3.43 -13.47
N PHE A 208 -5.41 -4.74 -13.26
CA PHE A 208 -4.94 -5.66 -14.27
C PHE A 208 -6.10 -6.63 -14.39
N VAL A 209 -6.25 -7.24 -15.57
CA VAL A 209 -7.36 -8.17 -15.77
C VAL A 209 -6.93 -9.61 -15.55
N SER A 210 -7.46 -10.21 -14.49
CA SER A 210 -7.12 -11.57 -14.12
C SER A 210 -7.97 -12.61 -14.84
N THR A 211 -7.31 -13.60 -15.44
CA THR A 211 -8.01 -14.67 -16.17
C THR A 211 -7.49 -16.04 -15.77
N GLN A 212 -6.71 -16.10 -14.70
CA GLN A 212 -6.14 -17.37 -14.26
C GLN A 212 -5.48 -17.20 -12.90
N PRO A 213 -5.19 -18.32 -12.22
CA PRO A 213 -4.55 -18.24 -10.90
C PRO A 213 -3.27 -17.43 -10.98
N GLU A 214 -2.97 -16.71 -9.90
CA GLU A 214 -1.80 -15.87 -9.83
C GLU A 214 -0.52 -16.56 -10.29
N ARG A 215 -0.30 -17.77 -9.78
CA ARG A 215 0.91 -18.49 -10.14
C ARG A 215 1.06 -18.67 -11.65
N ASP A 216 -0.05 -18.93 -12.33
CA ASP A 216 -0.02 -19.11 -13.77
C ASP A 216 0.41 -17.84 -14.49
N ASP A 217 0.16 -16.69 -13.88
CA ASP A 217 0.58 -15.43 -14.50
C ASP A 217 2.09 -15.38 -14.54
N TYR A 218 2.76 -15.91 -13.53
CA TYR A 218 4.22 -15.86 -13.53
C TYR A 218 4.86 -16.83 -14.51
N PHE A 219 4.17 -17.93 -14.81
CA PHE A 219 4.70 -18.89 -15.76
C PHE A 219 4.45 -18.49 -17.21
N SER A 220 3.34 -17.80 -17.47
CA SER A 220 3.04 -17.36 -18.82
C SER A 220 3.97 -16.20 -19.18
N ALA A 221 4.60 -16.25 -20.33
CA ALA A 221 5.52 -15.18 -20.74
C ALA A 221 4.76 -13.90 -21.07
N ALA A 222 3.45 -14.02 -21.27
CA ALA A 222 2.62 -12.87 -21.58
C ALA A 222 2.08 -12.27 -20.30
N PRO A 223 2.14 -10.93 -20.16
CA PRO A 223 1.64 -10.25 -18.96
C PRO A 223 0.13 -10.06 -19.06
N PRO A 224 -0.56 -9.96 -17.90
CA PRO A 224 -2.00 -9.77 -17.93
C PRO A 224 -2.31 -8.42 -18.58
N GLU A 225 -3.56 -8.21 -18.96
CA GLU A 225 -3.93 -6.94 -19.56
C GLU A 225 -3.92 -5.87 -18.45
N GLN A 226 -3.48 -4.67 -18.80
CA GLN A 226 -3.42 -3.58 -17.82
C GLN A 226 -4.41 -2.50 -18.21
N ARG A 227 -5.08 -1.93 -17.21
CA ARG A 227 -6.05 -0.88 -17.48
C ARG A 227 -6.05 0.22 -16.45
N ILE A 228 -6.25 1.45 -16.90
CA ILE A 228 -6.36 2.55 -15.97
C ILE A 228 -7.70 3.20 -16.31
N ILE A 229 -8.53 3.40 -15.29
CA ILE A 229 -9.85 3.99 -15.45
C ILE A 229 -9.88 5.35 -14.77
N ILE A 230 -10.42 6.36 -15.44
CA ILE A 230 -10.55 7.68 -14.85
C ILE A 230 -12.04 7.93 -14.66
N MET A 231 -12.41 8.23 -13.42
CA MET A 231 -13.80 8.48 -13.09
C MET A 231 -13.93 9.90 -12.57
N TYR A 232 -14.51 10.77 -13.39
CA TYR A 232 -14.68 12.17 -13.01
C TYR A 232 -15.91 12.35 -12.15
N TYR A 233 -15.85 13.35 -11.29
CA TYR A 233 -16.94 13.65 -10.38
C TYR A 233 -18.18 14.07 -11.13
N ASN A 234 -17.96 14.47 -12.39
CA ASN A 234 -19.02 14.90 -13.29
C ASN A 234 -19.64 13.68 -13.99
N ASP A 235 -19.30 12.50 -13.47
CA ASP A 235 -19.77 11.22 -13.97
C ASP A 235 -19.33 10.73 -15.34
N THR A 236 -18.23 11.27 -15.85
CA THR A 236 -17.70 10.79 -17.12
C THR A 236 -16.72 9.69 -16.72
N ILE A 237 -16.70 8.59 -17.47
CA ILE A 237 -15.79 7.50 -17.18
C ILE A 237 -15.02 7.15 -18.44
N VAL A 238 -13.70 7.10 -18.31
CA VAL A 238 -12.84 6.76 -19.43
C VAL A 238 -11.94 5.62 -18.99
N GLU A 239 -12.04 4.49 -19.68
CA GLU A 239 -11.20 3.36 -19.35
C GLU A 239 -10.31 3.05 -20.54
N ARG A 240 -9.02 2.83 -20.27
CA ARG A 240 -8.07 2.54 -21.33
C ARG A 240 -7.25 1.28 -21.04
N ILE A 241 -6.88 0.58 -22.10
CA ILE A 241 -6.03 -0.59 -21.98
C ILE A 241 -4.66 -0.02 -22.29
N ILE A 242 -3.78 -0.01 -21.30
CA ILE A 242 -2.45 0.54 -21.51
C ILE A 242 -1.40 -0.51 -21.84
N ASN A 243 -0.39 -0.09 -22.59
CA ASN A 243 0.70 -0.95 -23.00
C ASN A 243 1.95 -0.12 -22.83
N PRO A 244 2.44 0.03 -21.59
CA PRO A 244 3.65 0.83 -21.42
C PRO A 244 4.86 0.12 -21.99
N PRO A 245 5.85 0.88 -22.44
CA PRO A 245 7.06 0.29 -23.02
C PRO A 245 7.84 -0.55 -21.98
N GLY A 246 8.58 -1.53 -22.47
CA GLY A 246 9.37 -2.35 -21.59
C GLY A 246 8.62 -3.30 -20.69
N VAL A 247 7.41 -3.68 -21.09
CA VAL A 247 6.64 -4.60 -20.28
C VAL A 247 6.54 -5.92 -21.03
N LEU A 248 6.10 -5.84 -22.28
CA LEU A 248 5.96 -7.04 -23.10
C LEU A 248 7.32 -7.68 -23.31
N ASP A 249 7.42 -8.96 -22.95
CA ASP A 249 8.64 -9.74 -23.07
C ASP A 249 9.69 -9.40 -22.01
N VAL A 250 9.31 -8.60 -21.02
CA VAL A 250 10.23 -8.25 -19.94
C VAL A 250 9.58 -8.74 -18.65
N TRP A 251 8.31 -8.40 -18.47
CA TRP A 251 7.59 -8.81 -17.28
C TRP A 251 6.64 -9.94 -17.64
N ALA A 252 6.70 -11.03 -16.89
CA ALA A 252 5.79 -12.15 -17.12
C ALA A 252 4.46 -11.70 -16.54
N THR A 253 4.48 -10.89 -15.50
CA THR A 253 3.24 -10.38 -14.89
C THR A 253 3.52 -9.00 -14.39
N LEU A 254 2.45 -8.25 -14.15
CA LEU A 254 2.55 -6.89 -13.66
C LEU A 254 1.25 -6.56 -12.95
N ASN A 255 1.34 -6.16 -11.68
CA ASN A 255 0.15 -5.82 -10.90
C ASN A 255 0.26 -4.48 -10.20
N PRO A 256 -0.89 -3.86 -9.89
CA PRO A 256 -0.83 -2.57 -9.19
C PRO A 256 -0.59 -3.06 -7.75
N GLY A 257 0.05 -2.25 -6.91
CA GLY A 257 0.30 -2.68 -5.55
C GLY A 257 -0.88 -2.61 -4.59
N THR A 258 -2.06 -2.29 -5.11
CA THR A 258 -3.30 -2.14 -4.33
C THR A 258 -3.27 -0.93 -3.39
N GLY A 259 -2.09 -0.51 -2.97
CA GLY A 259 -2.01 0.65 -2.11
C GLY A 259 -2.34 1.87 -2.98
N SER A 260 -2.71 2.98 -2.37
CA SER A 260 -3.05 4.16 -3.12
C SER A 260 -1.90 4.69 -3.97
N GLY A 261 -2.25 5.32 -5.09
CA GLY A 261 -1.25 5.93 -5.94
C GLY A 261 -1.28 7.40 -5.55
N VAL A 262 -0.51 8.25 -6.23
CA VAL A 262 -0.52 9.67 -5.90
C VAL A 262 -0.42 10.53 -7.14
N TYR A 263 -0.93 11.76 -7.03
CA TYR A 263 -0.88 12.70 -8.13
C TYR A 263 0.28 13.64 -7.85
N TYR A 264 1.35 13.49 -8.63
CA TYR A 264 2.56 14.25 -8.46
C TYR A 264 2.98 14.98 -9.72
N LEU A 265 3.16 16.29 -9.60
CA LEU A 265 3.58 17.13 -10.71
C LEU A 265 2.92 16.81 -12.05
N GLY A 266 1.60 16.65 -12.04
CA GLY A 266 0.90 16.37 -13.29
C GLY A 266 0.84 14.92 -13.74
N TRP A 267 1.45 14.03 -12.97
CA TRP A 267 1.43 12.60 -13.29
C TRP A 267 0.79 11.80 -12.18
N VAL A 268 0.21 10.66 -12.52
CA VAL A 268 -0.37 9.82 -11.49
C VAL A 268 0.62 8.68 -11.35
N LEU A 269 1.10 8.46 -10.12
CA LEU A 269 2.06 7.40 -9.83
C LEU A 269 1.40 6.25 -9.06
N PHE A 270 1.59 5.03 -9.53
CA PHE A 270 1.01 3.87 -8.85
C PHE A 270 2.09 2.86 -8.48
N PRO A 271 1.94 2.22 -7.31
CA PRO A 271 2.95 1.24 -6.94
C PRO A 271 2.66 -0.03 -7.75
N ILE A 272 3.70 -0.68 -8.25
CA ILE A 272 3.51 -1.91 -9.00
C ILE A 272 4.52 -2.97 -8.56
N TYR A 273 4.27 -4.20 -8.98
CA TYR A 273 5.17 -5.31 -8.69
C TYR A 273 4.83 -6.44 -9.65
N GLY A 274 5.71 -7.42 -9.76
CA GLY A 274 5.49 -8.54 -10.65
C GLY A 274 6.75 -9.36 -10.83
N GLY A 275 6.78 -10.19 -11.88
CA GLY A 275 7.95 -11.02 -12.11
C GLY A 275 8.61 -10.73 -13.44
N VAL A 276 9.94 -10.55 -13.41
CA VAL A 276 10.69 -10.24 -14.61
C VAL A 276 11.32 -11.51 -15.18
N ILE A 277 11.40 -11.57 -16.51
CA ILE A 277 11.95 -12.71 -17.22
C ILE A 277 13.47 -12.74 -17.24
N LYS A 278 14.03 -13.94 -17.05
CA LYS A 278 15.47 -14.16 -17.06
C LYS A 278 16.09 -13.78 -18.40
N GLY A 279 17.21 -13.09 -18.36
CA GLY A 279 17.89 -12.70 -19.59
C GLY A 279 17.55 -11.34 -20.15
N THR A 280 16.55 -10.69 -19.57
CA THR A 280 16.13 -9.36 -20.02
C THR A 280 17.08 -8.31 -19.45
N SER A 281 17.12 -7.14 -20.08
CA SER A 281 17.99 -6.07 -19.61
C SER A 281 17.79 -5.81 -18.14
N LEU A 282 16.54 -5.66 -17.73
CA LEU A 282 16.20 -5.41 -16.34
C LEU A 282 16.87 -6.47 -15.48
N TRP A 283 16.58 -7.73 -15.78
CA TRP A 283 17.16 -8.85 -15.07
C TRP A 283 18.67 -8.68 -14.95
N ASN A 284 19.33 -8.43 -16.08
CA ASN A 284 20.79 -8.27 -16.09
C ASN A 284 21.27 -7.08 -15.28
N ASN A 285 20.60 -5.94 -15.42
CA ASN A 285 20.98 -4.74 -14.68
C ASN A 285 20.71 -4.94 -13.19
N GLN A 286 19.79 -5.83 -12.90
CA GLN A 286 19.41 -6.10 -11.52
C GLN A 286 20.29 -7.19 -10.91
N ALA A 287 21.01 -7.90 -11.77
CA ALA A 287 21.88 -8.98 -11.33
C ALA A 287 22.87 -8.61 -10.22
N ASN A 288 22.96 -9.50 -9.24
CA ASN A 288 23.87 -9.35 -8.11
C ASN A 288 23.52 -8.23 -7.13
N LYS A 289 22.35 -7.63 -7.31
CA LYS A 289 21.93 -6.57 -6.40
C LYS A 289 21.11 -7.15 -5.25
N TYR A 290 21.16 -6.49 -4.10
CA TYR A 290 20.44 -6.97 -2.92
C TYR A 290 20.37 -5.82 -1.93
N PHE A 291 19.43 -5.90 -1.01
CA PHE A 291 19.28 -4.87 0.00
C PHE A 291 19.11 -5.48 1.38
N ILE A 292 19.82 -4.92 2.36
CA ILE A 292 19.73 -5.40 3.73
C ILE A 292 19.48 -4.26 4.71
N PRO A 293 18.32 -4.27 5.37
CA PRO A 293 17.97 -3.24 6.34
C PRO A 293 19.05 -3.01 7.41
N GLN A 294 19.37 -1.74 7.60
CA GLN A 294 20.37 -1.26 8.55
C GLN A 294 20.34 -1.95 9.90
N MET A 295 19.15 -2.31 10.37
CA MET A 295 19.02 -2.93 11.67
C MET A 295 18.98 -4.46 11.72
N VAL A 296 19.37 -5.10 10.62
CA VAL A 296 19.37 -6.56 10.56
C VAL A 296 20.62 -7.15 11.23
N ALA A 297 21.78 -6.56 10.96
CA ALA A 297 23.02 -7.03 11.54
C ALA A 297 22.89 -7.37 13.03
N ALA A 298 22.58 -6.36 13.83
CA ALA A 298 22.43 -6.56 15.26
C ALA A 298 21.44 -7.65 15.66
N LEU A 299 20.50 -7.98 14.77
CA LEU A 299 19.49 -8.99 15.09
C LEU A 299 19.68 -10.32 14.39
N CYS A 300 20.52 -10.36 13.37
CA CYS A 300 20.75 -11.59 12.62
C CYS A 300 21.98 -12.33 13.13
N SER A 301 21.89 -13.66 13.19
CA SER A 301 22.99 -14.48 13.68
C SER A 301 23.99 -14.93 12.62
N GLN A 302 23.65 -14.73 11.35
CA GLN A 302 24.53 -15.13 10.25
C GLN A 302 25.59 -14.06 10.05
N ASN A 303 26.72 -14.44 9.44
CA ASN A 303 27.77 -13.46 9.20
C ASN A 303 27.47 -12.67 7.92
N GLN A 304 28.13 -11.53 7.78
CA GLN A 304 27.93 -10.65 6.64
C GLN A 304 27.96 -11.36 5.29
N ALA A 305 28.94 -12.23 5.09
CA ALA A 305 29.08 -12.96 3.84
C ALA A 305 27.89 -13.86 3.53
N THR A 306 27.41 -14.58 4.53
CA THR A 306 26.27 -15.46 4.38
C THR A 306 24.99 -14.67 4.11
N GLN A 307 24.82 -13.55 4.81
CA GLN A 307 23.65 -12.70 4.63
C GLN A 307 23.57 -12.17 3.20
N VAL A 308 24.65 -11.60 2.71
CA VAL A 308 24.69 -11.06 1.37
C VAL A 308 24.32 -12.08 0.31
N GLN A 309 24.74 -13.32 0.52
CA GLN A 309 24.47 -14.41 -0.42
C GLN A 309 22.98 -14.76 -0.42
N ASN A 310 22.40 -14.88 0.77
CA ASN A 310 20.99 -15.20 0.87
C ASN A 310 20.13 -14.05 0.38
N ALA A 311 20.54 -12.82 0.69
CA ALA A 311 19.80 -11.65 0.27
C ALA A 311 19.71 -11.62 -1.25
N LYS A 312 20.84 -11.81 -1.94
CA LYS A 312 20.85 -11.79 -3.40
C LYS A 312 19.84 -12.75 -4.00
N SER A 313 19.72 -13.92 -3.40
CA SER A 313 18.83 -14.97 -3.89
C SER A 313 17.36 -14.76 -3.57
N SER A 314 17.06 -13.93 -2.58
CA SER A 314 15.67 -13.69 -2.19
C SER A 314 14.82 -12.94 -3.22
N TYR A 315 15.44 -12.48 -4.30
CA TYR A 315 14.72 -11.76 -5.35
C TYR A 315 14.27 -12.67 -6.50
N TYR A 316 14.54 -13.97 -6.40
CA TYR A 316 14.15 -14.91 -7.45
C TYR A 316 13.25 -15.99 -6.87
N SER A 317 12.14 -16.27 -7.55
CA SER A 317 11.20 -17.27 -7.06
C SER A 317 10.96 -18.42 -8.03
N SER A 318 11.35 -19.62 -7.63
CA SER A 318 11.16 -20.79 -8.46
C SER A 318 9.69 -21.21 -8.45
N TRP A 319 9.00 -20.91 -7.35
CA TRP A 319 7.57 -21.24 -7.24
C TRP A 319 6.74 -20.36 -8.15
N PHE A 320 7.21 -19.14 -8.39
CA PHE A 320 6.51 -18.22 -9.27
C PHE A 320 7.20 -18.13 -10.63
N GLY A 321 7.18 -19.22 -11.36
CA GLY A 321 7.76 -19.28 -12.69
C GLY A 321 9.22 -18.89 -12.86
N ASN A 322 10.02 -18.98 -11.81
CA ASN A 322 11.44 -18.62 -11.90
C ASN A 322 11.64 -17.19 -12.41
N ARG A 323 10.94 -16.25 -11.80
CA ARG A 323 11.05 -14.86 -12.20
C ARG A 323 11.69 -14.05 -11.10
N MET A 324 12.20 -12.88 -11.45
CA MET A 324 12.76 -12.00 -10.45
C MET A 324 11.57 -11.17 -10.00
N ILE A 325 11.15 -11.34 -8.75
CA ILE A 325 10.01 -10.59 -8.22
C ILE A 325 10.45 -9.16 -7.99
N GLN A 326 9.94 -8.24 -8.82
CA GLN A 326 10.33 -6.84 -8.78
C GLN A 326 9.28 -5.84 -8.33
N SER A 327 9.74 -4.79 -7.63
CA SER A 327 8.87 -3.71 -7.16
C SER A 327 9.16 -2.49 -8.01
N GLY A 328 8.18 -1.60 -8.14
CA GLY A 328 8.40 -0.41 -8.95
C GLY A 328 7.26 0.58 -8.93
N ILE A 329 7.30 1.54 -9.84
CA ILE A 329 6.26 2.57 -9.94
C ILE A 329 5.78 2.74 -11.37
N LEU A 330 4.48 2.91 -11.54
CA LEU A 330 3.91 3.12 -12.86
C LEU A 330 3.52 4.60 -12.89
N ALA A 331 4.09 5.33 -13.85
CA ALA A 331 3.81 6.74 -13.98
C ALA A 331 2.96 7.01 -15.21
N CYS A 332 1.78 7.57 -15.01
CA CYS A 332 0.90 7.88 -16.12
C CYS A 332 0.57 9.35 -16.19
N PRO A 333 0.69 9.94 -17.38
CA PRO A 333 0.36 11.36 -17.49
C PRO A 333 -1.16 11.42 -17.42
N LEU A 334 -1.70 12.46 -16.81
CA LEU A 334 -3.15 12.59 -16.70
C LEU A 334 -3.78 12.96 -18.05
N ARG A 335 -4.21 11.93 -18.77
CA ARG A 335 -4.83 12.10 -20.10
C ARG A 335 -5.99 11.10 -20.24
N GLN A 336 -6.92 11.39 -21.14
CA GLN A 336 -8.05 10.49 -21.34
C GLN A 336 -7.84 9.54 -22.51
N ASP A 337 -6.70 9.66 -23.16
CA ASP A 337 -6.38 8.80 -24.30
C ASP A 337 -5.11 8.02 -24.09
N LEU A 338 -4.85 7.62 -22.85
CA LEU A 338 -3.66 6.86 -22.52
C LEU A 338 -3.56 5.58 -23.35
N THR A 339 -2.35 5.27 -23.79
CA THR A 339 -2.07 4.07 -24.57
C THR A 339 -0.74 3.51 -24.12
N ASN A 340 0.34 4.18 -24.50
CA ASN A 340 1.68 3.74 -24.12
C ASN A 340 2.51 4.91 -23.59
N GLU A 341 1.86 5.86 -22.93
CA GLU A 341 2.56 7.01 -22.36
C GLU A 341 2.95 6.74 -20.92
N CYS A 342 2.31 5.75 -20.30
CA CYS A 342 2.63 5.41 -18.92
C CYS A 342 4.00 4.73 -18.94
N LEU A 343 4.79 5.02 -17.92
CA LEU A 343 6.13 4.47 -17.84
C LEU A 343 6.32 3.55 -16.64
N VAL A 344 6.97 2.41 -16.87
CA VAL A 344 7.25 1.49 -15.78
C VAL A 344 8.63 1.81 -15.25
N LEU A 345 8.70 2.20 -13.98
CA LEU A 345 9.96 2.55 -13.35
C LEU A 345 10.26 1.60 -12.21
N PRO A 346 11.15 0.62 -12.43
CA PRO A 346 11.47 -0.32 -11.36
C PRO A 346 12.50 0.22 -10.38
N PHE A 347 12.37 -0.20 -9.13
CA PHE A 347 13.32 0.20 -8.10
C PHE A 347 14.58 -0.64 -8.25
N SER A 348 15.70 -0.10 -7.77
CA SER A 348 16.96 -0.84 -7.83
C SER A 348 16.89 -1.83 -6.68
N ASN A 349 17.22 -3.09 -6.95
CA ASN A 349 17.19 -4.08 -5.89
C ASN A 349 18.28 -3.88 -4.86
N ASP A 350 19.05 -2.80 -5.04
CA ASP A 350 20.11 -2.42 -4.12
C ASP A 350 19.51 -1.51 -3.06
N GLN A 351 18.28 -1.05 -3.29
CA GLN A 351 17.63 -0.14 -2.35
C GLN A 351 16.31 -0.65 -1.79
N VAL A 352 15.76 -1.68 -2.43
CA VAL A 352 14.48 -2.22 -2.03
C VAL A 352 14.53 -3.73 -1.92
N LEU A 353 13.59 -4.31 -1.18
CA LEU A 353 13.54 -5.77 -1.04
C LEU A 353 12.77 -6.39 -2.19
N MET A 354 12.55 -7.70 -2.13
CA MET A 354 11.83 -8.40 -3.18
C MET A 354 10.48 -7.76 -3.46
N GLY A 355 10.11 -7.70 -4.74
CA GLY A 355 8.83 -7.12 -5.13
C GLY A 355 7.64 -7.55 -4.31
N ALA A 356 6.71 -6.63 -4.11
CA ALA A 356 5.50 -6.90 -3.33
C ALA A 356 4.48 -5.78 -3.51
N GLU A 357 3.32 -5.95 -2.90
CA GLU A 357 2.28 -4.93 -2.97
C GLU A 357 2.89 -3.74 -2.27
N GLY A 358 2.35 -2.55 -2.53
CA GLY A 358 2.90 -1.37 -1.89
C GLY A 358 1.93 -0.22 -2.01
N ARG A 359 2.35 0.92 -1.47
CA ARG A 359 1.53 2.12 -1.50
C ARG A 359 2.44 3.33 -1.61
N LEU A 360 1.97 4.36 -2.32
CA LEU A 360 2.72 5.59 -2.49
C LEU A 360 2.06 6.68 -1.67
N TYR A 361 2.88 7.49 -1.02
CA TYR A 361 2.39 8.57 -0.19
C TYR A 361 2.99 9.89 -0.62
N MET A 362 2.45 10.95 -0.05
CA MET A 362 2.91 12.29 -0.34
C MET A 362 2.96 13.05 0.98
N TYR A 363 4.15 13.49 1.37
CA TYR A 363 4.31 14.27 2.59
C TYR A 363 4.92 15.55 2.08
N GLY A 364 4.10 16.59 1.97
CA GLY A 364 4.62 17.84 1.45
C GLY A 364 4.97 17.61 -0.01
N ASP A 365 6.18 17.98 -0.40
CA ASP A 365 6.59 17.80 -1.79
C ASP A 365 7.30 16.46 -1.99
N SER A 366 7.48 15.72 -0.90
CA SER A 366 8.18 14.42 -0.96
C SER A 366 7.29 13.21 -1.13
N VAL A 367 7.69 12.31 -2.02
CA VAL A 367 6.97 11.08 -2.29
C VAL A 367 7.56 9.98 -1.42
N TYR A 368 6.70 9.15 -0.85
CA TYR A 368 7.18 8.06 -0.02
C TYR A 368 6.58 6.77 -0.53
N TYR A 369 7.25 5.66 -0.26
CA TYR A 369 6.79 4.35 -0.71
C TYR A 369 6.72 3.35 0.42
N TYR A 370 5.64 2.57 0.43
CA TYR A 370 5.50 1.52 1.43
C TYR A 370 5.60 0.19 0.70
N GLN A 371 6.43 -0.71 1.19
CA GLN A 371 6.56 -2.00 0.55
C GLN A 371 6.19 -3.15 1.48
N ARG A 372 5.25 -3.96 1.05
CA ARG A 372 4.81 -5.09 1.82
C ARG A 372 6.02 -5.99 2.04
N SER A 373 6.14 -6.53 3.24
CA SER A 373 7.24 -7.42 3.57
C SER A 373 6.79 -8.83 3.26
N ASN A 374 6.93 -9.21 2.00
CA ASN A 374 6.53 -10.53 1.54
C ASN A 374 7.79 -11.39 1.43
N SER A 375 8.92 -10.87 1.90
CA SER A 375 10.19 -11.58 1.84
C SER A 375 10.65 -11.97 3.25
N TRP A 376 11.96 -12.07 3.44
CA TRP A 376 12.53 -12.48 4.73
C TRP A 376 12.42 -11.49 5.90
N TRP A 377 12.62 -10.20 5.65
CA TRP A 377 12.53 -9.18 6.71
C TRP A 377 11.05 -8.95 7.00
N PRO A 378 10.61 -9.24 8.24
CA PRO A 378 9.20 -9.08 8.63
C PRO A 378 8.74 -7.72 9.16
N MET A 379 9.61 -6.71 9.12
CA MET A 379 9.27 -5.39 9.65
C MET A 379 8.85 -4.38 8.58
N THR A 380 8.06 -3.40 9.02
CA THR A 380 7.52 -2.32 8.19
C THR A 380 8.58 -1.64 7.32
N MET A 381 8.33 -1.57 6.02
CA MET A 381 9.26 -0.95 5.08
C MET A 381 8.77 0.35 4.44
N LEU A 382 9.41 1.46 4.77
CA LEU A 382 9.06 2.76 4.24
C LEU A 382 10.29 3.39 3.59
N TYR A 383 10.10 4.05 2.46
CA TYR A 383 11.22 4.69 1.77
C TYR A 383 10.87 6.07 1.23
N LYS A 384 11.85 6.97 1.25
CA LYS A 384 11.64 8.30 0.70
C LYS A 384 12.07 8.12 -0.74
N VAL A 385 11.15 8.36 -1.66
CA VAL A 385 11.45 8.21 -3.07
C VAL A 385 11.83 9.51 -3.75
N THR A 386 12.94 9.49 -4.48
CA THR A 386 13.41 10.65 -5.20
C THR A 386 13.18 10.34 -6.65
N ILE A 387 12.34 11.13 -7.29
CA ILE A 387 12.03 10.92 -8.69
C ILE A 387 12.77 11.89 -9.60
N THR A 388 13.39 11.34 -10.63
CA THR A 388 14.14 12.12 -11.59
C THR A 388 13.37 12.28 -12.88
N PHE A 389 13.35 13.50 -13.41
CA PHE A 389 12.67 13.76 -14.66
C PHE A 389 13.66 14.14 -15.75
N THR A 390 13.44 13.59 -16.93
CA THR A 390 14.27 13.87 -18.07
C THR A 390 13.33 14.28 -19.19
N ASN A 391 13.35 15.56 -19.53
CA ASN A 391 12.48 16.08 -20.58
C ASN A 391 11.01 16.00 -20.19
N GLY A 392 10.73 16.38 -18.95
CA GLY A 392 9.36 16.38 -18.46
C GLY A 392 8.76 14.99 -18.27
N GLN A 393 9.62 13.98 -18.24
CA GLN A 393 9.18 12.61 -18.04
C GLN A 393 9.96 11.91 -16.95
N PRO A 394 9.24 11.19 -16.06
CA PRO A 394 9.91 10.46 -14.99
C PRO A 394 10.93 9.54 -15.65
N SER A 395 12.20 9.66 -15.27
CA SER A 395 13.23 8.83 -15.89
C SER A 395 13.87 7.82 -14.95
N ALA A 396 13.80 8.07 -13.65
CA ALA A 396 14.40 7.14 -12.70
C ALA A 396 13.98 7.43 -11.27
N ILE A 397 13.93 6.38 -10.45
CA ILE A 397 13.56 6.52 -9.05
C ILE A 397 14.62 5.95 -8.14
N SER A 398 14.81 6.60 -6.99
CA SER A 398 15.79 6.19 -6.01
C SER A 398 15.04 6.07 -4.68
N ALA A 399 15.30 5.03 -3.90
CA ALA A 399 14.60 4.85 -2.64
C ALA A 399 15.51 4.77 -1.42
N GLN A 400 15.22 5.59 -0.40
CA GLN A 400 15.99 5.61 0.84
C GLN A 400 15.11 5.10 1.98
N ASN A 401 15.49 3.96 2.54
CA ASN A 401 14.72 3.33 3.60
C ASN A 401 14.85 3.96 4.98
N VAL A 402 13.73 4.03 5.70
CA VAL A 402 13.70 4.54 7.07
C VAL A 402 13.99 3.31 7.91
N PRO A 403 15.23 3.17 8.40
CA PRO A 403 15.64 2.03 9.21
C PRO A 403 14.85 1.80 10.49
N THR A 404 14.20 0.64 10.56
CA THR A 404 13.41 0.28 11.74
C THR A 404 13.44 -1.22 11.97
N GLN A 405 12.98 -1.62 13.14
CA GLN A 405 12.89 -3.04 13.49
C GLN A 405 11.56 -3.19 14.17
N GLN A 406 10.63 -2.26 13.87
CA GLN A 406 9.34 -2.34 14.49
C GLN A 406 8.14 -2.55 13.60
N VAL A 407 7.21 -3.28 14.23
CA VAL A 407 5.94 -3.73 13.71
C VAL A 407 6.19 -4.85 12.72
N PRO A 408 6.16 -6.09 13.22
CA PRO A 408 6.37 -7.31 12.44
C PRO A 408 5.05 -7.71 11.81
N ARG A 409 5.12 -8.69 10.92
CA ARG A 409 3.92 -9.16 10.24
C ARG A 409 3.91 -10.69 10.23
N PRO A 410 2.73 -11.31 10.38
CA PRO A 410 2.67 -12.77 10.37
C PRO A 410 3.12 -13.37 9.07
N GLY A 411 4.02 -14.35 9.18
CA GLY A 411 4.54 -15.03 8.01
C GLY A 411 4.42 -16.52 8.20
N THR A 412 4.86 -17.27 7.20
CA THR A 412 4.79 -18.71 7.26
C THR A 412 6.19 -19.33 7.36
N GLY A 413 6.30 -20.44 8.09
CA GLY A 413 7.58 -21.14 8.22
C GLY A 413 8.74 -20.39 8.86
N ASP A 414 9.85 -20.33 8.14
CA ASP A 414 11.05 -19.64 8.62
C ASP A 414 11.00 -18.17 8.27
N CYS A 415 9.79 -17.67 8.06
CA CYS A 415 9.58 -16.28 7.70
C CYS A 415 8.46 -15.72 8.55
N SER A 416 8.39 -16.16 9.80
CA SER A 416 7.35 -15.66 10.69
C SER A 416 7.77 -14.28 11.18
N ALA A 417 6.97 -13.69 12.07
CA ALA A 417 7.29 -12.37 12.59
C ALA A 417 8.62 -12.38 13.37
N THR A 418 9.09 -13.56 13.73
CA THR A 418 10.34 -13.67 14.49
C THR A 418 11.61 -13.82 13.67
N ASN A 419 11.47 -13.99 12.36
CA ASN A 419 12.63 -14.14 11.49
C ASN A 419 13.45 -12.86 11.41
N ARG A 420 14.75 -12.99 11.22
CA ARG A 420 15.63 -11.82 11.13
C ARG A 420 16.76 -12.09 10.14
N CYS A 421 16.81 -13.31 9.61
CA CYS A 421 17.87 -13.67 8.68
C CYS A 421 17.45 -13.76 7.23
N PRO A 422 18.30 -13.24 6.32
CA PRO A 422 18.04 -13.25 4.88
C PRO A 422 17.86 -14.66 4.35
N GLY A 423 17.04 -14.77 3.32
CA GLY A 423 16.77 -16.06 2.69
C GLY A 423 15.56 -15.86 1.81
N PHE A 424 15.21 -16.85 1.00
CA PHE A 424 14.04 -16.66 0.15
C PHE A 424 12.72 -16.97 0.85
N CYS A 425 11.84 -15.98 0.86
CA CYS A 425 10.53 -16.13 1.47
C CYS A 425 9.50 -15.56 0.50
N LEU A 426 8.26 -16.01 0.63
CA LEU A 426 7.17 -15.55 -0.21
C LEU A 426 5.90 -15.67 0.62
N THR A 427 5.87 -14.94 1.73
CA THR A 427 4.74 -14.96 2.67
C THR A 427 4.66 -13.60 3.37
N GLY A 428 3.46 -13.25 3.86
CA GLY A 428 3.30 -11.98 4.54
C GLY A 428 1.91 -11.38 4.39
N VAL A 429 1.78 -10.11 4.76
CA VAL A 429 0.51 -9.39 4.65
C VAL A 429 0.77 -7.94 4.34
N TYR A 430 -0.23 -7.29 3.79
CA TYR A 430 -0.14 -5.89 3.49
C TYR A 430 -0.55 -5.16 4.77
N ALA A 431 0.32 -4.29 5.24
CA ALA A 431 0.06 -3.50 6.45
C ALA A 431 0.91 -2.26 6.35
N ASP A 432 0.40 -1.24 5.66
CA ASP A 432 1.17 -0.02 5.49
C ASP A 432 1.23 0.78 6.77
N ALA A 433 2.04 1.84 6.78
CA ALA A 433 2.19 2.66 7.96
C ALA A 433 2.31 4.12 7.57
N TRP A 434 1.79 4.99 8.41
CA TRP A 434 1.81 6.42 8.17
C TRP A 434 2.79 7.14 9.08
N LEU A 435 3.69 7.92 8.48
CA LEU A 435 4.69 8.66 9.23
C LEU A 435 4.13 9.93 9.83
N LEU A 436 4.11 9.98 11.16
CA LEU A 436 3.60 11.14 11.90
C LEU A 436 4.69 12.17 12.11
N THR A 437 5.92 11.78 11.82
CA THR A 437 7.08 12.62 12.01
C THR A 437 7.98 12.60 10.77
N ASN A 438 8.65 13.71 10.48
CA ASN A 438 9.53 13.76 9.31
C ASN A 438 10.87 13.05 9.55
N PRO A 439 11.22 12.07 8.70
CA PRO A 439 12.47 11.33 8.84
C PRO A 439 13.70 12.18 8.49
N SER A 440 13.50 13.22 7.68
CA SER A 440 14.58 14.11 7.27
C SER A 440 14.87 15.20 8.30
N SER A 441 14.07 15.24 9.36
CA SER A 441 14.24 16.24 10.41
C SER A 441 15.35 15.91 11.40
N THR A 442 15.97 14.74 11.24
CA THR A 442 17.05 14.32 12.12
C THR A 442 18.33 14.34 11.29
N SER A 443 19.45 14.69 11.93
CA SER A 443 20.73 14.77 11.23
C SER A 443 21.03 13.53 10.40
N THR A 444 20.61 12.37 10.90
CA THR A 444 20.76 11.12 10.18
C THR A 444 19.36 10.67 9.79
N PHE A 445 19.10 10.61 8.50
CA PHE A 445 17.78 10.23 7.98
C PHE A 445 17.09 9.09 8.76
N GLY A 446 15.88 9.37 9.25
CA GLY A 446 15.11 8.38 9.96
C GLY A 446 15.67 7.81 11.25
N SER A 447 16.61 8.51 11.88
CA SER A 447 17.21 8.02 13.13
C SER A 447 16.16 7.94 14.23
N GLU A 448 15.15 8.79 14.15
CA GLU A 448 14.05 8.78 15.11
C GLU A 448 12.75 9.08 14.36
N ALA A 449 12.12 8.01 13.87
CA ALA A 449 10.89 8.13 13.11
C ALA A 449 9.70 7.51 13.87
N THR A 450 8.55 8.15 13.75
CA THR A 450 7.35 7.68 14.40
C THR A 450 6.29 7.41 13.34
N PHE A 451 5.63 6.28 13.43
CA PHE A 451 4.60 5.96 12.45
C PHE A 451 3.44 5.25 13.12
N THR A 452 2.33 5.16 12.41
CA THR A 452 1.15 4.52 12.95
C THR A 452 0.51 3.64 11.89
N GLY A 453 -0.29 2.69 12.32
CA GLY A 453 -0.95 1.80 11.39
C GLY A 453 -1.53 0.66 12.18
N SER A 454 -1.78 -0.46 11.51
CA SER A 454 -2.29 -1.61 12.21
C SER A 454 -1.46 -2.82 11.76
N TYR A 455 -1.43 -3.86 12.58
CA TYR A 455 -0.69 -5.05 12.24
C TYR A 455 -1.34 -6.21 12.94
N LEU A 456 -1.11 -7.40 12.40
CA LEU A 456 -1.67 -8.62 12.97
C LEU A 456 -0.63 -9.15 13.95
N ASN A 457 -0.94 -9.02 15.23
CA ASN A 457 -0.04 -9.44 16.30
C ASN A 457 0.02 -10.94 16.56
N THR A 458 0.82 -11.63 15.76
CA THR A 458 0.99 -13.07 15.88
C THR A 458 2.14 -13.41 14.94
N ALA A 459 2.81 -14.53 15.17
CA ALA A 459 3.95 -14.91 14.36
C ALA A 459 3.63 -15.47 12.98
N THR A 460 2.61 -16.33 12.89
CA THR A 460 2.29 -16.92 11.59
C THR A 460 0.85 -16.82 11.11
N GLN A 461 -0.08 -16.49 12.01
CA GLN A 461 -1.48 -16.40 11.61
C GLN A 461 -1.94 -14.96 11.34
N ARG A 462 -3.04 -14.81 10.60
CA ARG A 462 -3.57 -13.49 10.32
C ARG A 462 -4.62 -13.25 11.39
N ILE A 463 -4.12 -13.02 12.61
CA ILE A 463 -4.97 -12.86 13.77
C ILE A 463 -4.57 -11.68 14.64
N ASN A 464 -5.48 -11.31 15.56
CA ASN A 464 -5.25 -10.21 16.48
C ASN A 464 -4.92 -8.86 15.86
N PRO A 465 -5.85 -8.28 15.09
CA PRO A 465 -5.57 -6.97 14.49
C PRO A 465 -5.29 -5.95 15.60
N THR A 466 -4.23 -5.17 15.45
CA THR A 466 -3.87 -4.20 16.47
C THR A 466 -3.44 -2.86 15.90
N MET A 467 -4.10 -1.78 16.34
CA MET A 467 -3.74 -0.44 15.87
C MET A 467 -2.66 0.07 16.80
N TYR A 468 -1.68 0.80 16.27
CA TYR A 468 -0.56 1.24 17.08
C TYR A 468 0.12 2.51 16.60
N ILE A 469 1.08 2.94 17.41
CA ILE A 469 1.95 4.08 17.12
C ILE A 469 3.31 3.52 17.52
N ALA A 470 4.32 3.74 16.70
CA ALA A 470 5.62 3.20 17.01
C ALA A 470 6.76 4.05 16.49
N ASN A 471 7.95 3.82 17.07
CA ASN A 471 9.17 4.49 16.60
C ASN A 471 10.00 3.34 16.05
N ASN A 472 11.23 3.60 15.62
CA ASN A 472 12.09 2.57 15.02
C ASN A 472 12.31 1.29 15.80
N THR A 473 12.36 1.39 17.12
CA THR A 473 12.63 0.21 17.93
C THR A 473 11.48 -0.31 18.76
N GLN A 474 10.53 0.55 19.11
CA GLN A 474 9.43 0.10 19.94
C GLN A 474 8.05 0.63 19.59
N ILE A 475 7.05 -0.09 20.11
CA ILE A 475 5.66 0.29 19.91
C ILE A 475 5.36 1.09 21.17
N ILE A 476 5.06 2.37 21.01
CA ILE A 476 4.80 3.24 22.15
C ILE A 476 3.33 3.46 22.50
N SER A 477 2.42 2.84 21.74
CA SER A 477 0.98 2.95 21.98
C SER A 477 0.28 1.93 21.10
N SER A 478 -0.69 1.22 21.66
CA SER A 478 -1.39 0.20 20.87
C SER A 478 -2.67 -0.29 21.51
N GLN A 479 -3.60 -0.76 20.69
CA GLN A 479 -4.84 -1.28 21.20
C GLN A 479 -5.37 -2.33 20.25
N GLN A 480 -5.42 -3.57 20.72
CA GLN A 480 -5.90 -4.67 19.91
C GLN A 480 -7.41 -4.53 19.76
N PHE A 481 -7.92 -4.93 18.61
CA PHE A 481 -9.36 -4.87 18.39
C PHE A 481 -9.97 -6.25 18.49
N GLY A 482 -11.09 -6.35 19.20
CA GLY A 482 -11.76 -7.62 19.35
C GLY A 482 -11.00 -8.51 20.32
N SER A 483 -11.39 -9.76 20.43
CA SER A 483 -10.72 -10.67 21.34
C SER A 483 -9.69 -11.47 20.57
N SER A 484 -8.71 -12.03 21.29
CA SER A 484 -7.66 -12.81 20.65
C SER A 484 -8.27 -13.88 19.77
N GLY A 485 -7.64 -14.12 18.63
CA GLY A 485 -8.15 -15.12 17.73
C GLY A 485 -8.89 -14.47 16.57
N GLN A 486 -9.35 -13.24 16.77
CA GLN A 486 -10.05 -12.50 15.74
C GLN A 486 -9.23 -12.45 14.46
N GLU A 487 -9.81 -12.91 13.36
CA GLU A 487 -9.13 -12.91 12.07
C GLU A 487 -9.26 -11.57 11.36
N ALA A 488 -8.22 -11.21 10.62
CA ALA A 488 -8.19 -9.97 9.87
C ALA A 488 -7.20 -10.16 8.74
N ALA A 489 -7.07 -9.17 7.87
CA ALA A 489 -6.13 -9.30 6.76
C ALA A 489 -5.35 -8.00 6.56
N TYR A 490 -5.57 -7.31 5.44
CA TYR A 490 -4.87 -6.06 5.14
C TYR A 490 -5.30 -4.90 6.02
N GLY A 491 -4.45 -3.88 6.05
CA GLY A 491 -4.72 -2.67 6.82
C GLY A 491 -4.12 -1.48 6.11
N HIS A 492 -4.94 -0.47 5.81
CA HIS A 492 -4.49 0.77 5.15
C HIS A 492 -4.73 1.92 6.13
N THR A 493 -3.68 2.64 6.50
CA THR A 493 -3.81 3.74 7.45
C THR A 493 -3.54 5.09 6.81
N THR A 494 -4.37 6.07 7.15
CA THR A 494 -4.26 7.43 6.62
C THR A 494 -4.57 8.43 7.71
N CYS A 495 -3.75 9.46 7.85
CA CYS A 495 -3.98 10.46 8.87
C CYS A 495 -4.08 11.86 8.27
N PHE A 496 -4.80 12.74 8.97
CA PHE A 496 -4.98 14.11 8.54
C PHE A 496 -5.29 14.93 9.74
N ARG A 497 -5.11 16.24 9.62
CA ARG A 497 -5.35 17.09 10.74
C ARG A 497 -6.49 18.04 10.59
N ASP A 498 -7.13 18.27 11.72
CA ASP A 498 -8.21 19.20 11.77
C ASP A 498 -7.49 20.47 12.15
N THR A 499 -7.41 21.39 11.20
CA THR A 499 -6.74 22.62 11.49
C THR A 499 -7.64 23.49 12.37
N GLY A 500 -8.88 23.07 12.57
CA GLY A 500 -9.78 23.86 13.40
C GLY A 500 -9.57 23.58 14.88
N SER A 501 -9.67 22.31 15.25
CA SER A 501 -9.49 21.88 16.63
C SER A 501 -8.05 21.49 16.88
N VAL A 502 -7.25 21.50 15.82
CA VAL A 502 -5.85 21.15 15.89
C VAL A 502 -5.60 19.72 16.38
N MET A 503 -6.40 18.78 15.94
CA MET A 503 -6.16 17.40 16.33
C MET A 503 -5.97 16.55 15.10
N VAL A 504 -5.20 15.49 15.25
CA VAL A 504 -4.95 14.59 14.14
C VAL A 504 -5.82 13.35 14.26
N TYR A 505 -6.44 12.99 13.16
CA TYR A 505 -7.27 11.82 13.12
C TYR A 505 -6.63 10.87 12.13
N CYS A 506 -6.69 9.59 12.45
CA CYS A 506 -6.16 8.60 11.54
C CYS A 506 -7.28 7.62 11.32
N ILE A 507 -7.36 7.13 10.09
CA ILE A 507 -8.37 6.17 9.73
C ILE A 507 -7.62 4.87 9.45
N TYR A 508 -8.04 3.79 10.08
CA TYR A 508 -7.40 2.51 9.88
C TYR A 508 -8.38 1.58 9.20
N ILE A 509 -8.21 1.38 7.90
CA ILE A 509 -9.10 0.52 7.13
C ILE A 509 -8.59 -0.91 7.24
N ILE A 510 -9.29 -1.71 8.04
CA ILE A 510 -8.89 -3.10 8.27
C ILE A 510 -9.91 -4.12 7.77
N GLU A 511 -9.42 -5.15 7.07
CA GLU A 511 -10.30 -6.21 6.59
C GLU A 511 -10.53 -7.15 7.77
N LEU A 512 -11.73 -7.12 8.34
CA LEU A 512 -12.02 -7.99 9.48
C LEU A 512 -12.85 -9.19 9.07
N SER A 513 -12.45 -10.35 9.57
CA SER A 513 -13.20 -11.57 9.29
C SER A 513 -14.49 -11.45 10.10
N SER A 514 -15.63 -11.53 9.43
CA SER A 514 -16.91 -11.43 10.13
C SER A 514 -17.65 -12.76 10.13
N SER A 515 -18.42 -12.97 11.20
CA SER A 515 -19.19 -14.20 11.36
C SER A 515 -20.62 -14.05 10.86
N LEU A 516 -21.11 -12.81 10.84
CA LEU A 516 -22.47 -12.52 10.42
C LEU A 516 -22.67 -12.39 8.90
N LEU A 517 -22.25 -11.25 8.35
CA LEU A 517 -22.39 -11.00 6.91
C LEU A 517 -21.05 -10.93 6.17
N GLY A 518 -20.92 -11.72 5.11
CA GLY A 518 -19.70 -11.72 4.32
C GLY A 518 -18.46 -12.33 4.97
N GLN A 519 -17.51 -12.74 4.11
CA GLN A 519 -16.26 -13.32 4.57
C GLN A 519 -15.52 -12.29 5.42
N PHE A 520 -15.43 -11.08 4.87
CA PHE A 520 -14.77 -9.99 5.54
C PHE A 520 -15.68 -8.78 5.60
N GLN A 521 -15.33 -7.86 6.48
CA GLN A 521 -16.04 -6.61 6.61
C GLN A 521 -14.88 -5.62 6.65
N ILE A 522 -14.75 -4.81 5.61
CA ILE A 522 -13.68 -3.82 5.59
C ILE A 522 -14.18 -2.62 6.39
N VAL A 523 -13.56 -2.39 7.54
CA VAL A 523 -13.96 -1.32 8.43
C VAL A 523 -13.03 -0.10 8.49
N PRO A 524 -13.60 1.10 8.37
CA PRO A 524 -12.75 2.29 8.44
C PRO A 524 -12.73 2.79 9.87
N PHE A 525 -11.90 2.18 10.71
CA PHE A 525 -11.82 2.62 12.10
C PHE A 525 -11.21 4.01 12.12
N ILE A 526 -11.65 4.84 13.04
CA ILE A 526 -11.10 6.18 13.14
C ILE A 526 -10.92 6.58 14.60
N ARG A 527 -9.77 7.15 14.91
CA ARG A 527 -9.50 7.60 16.27
C ARG A 527 -8.49 8.73 16.19
N GLN A 528 -8.35 9.47 17.29
CA GLN A 528 -7.41 10.57 17.30
C GLN A 528 -6.02 10.16 17.80
N VAL A 529 -5.01 10.87 17.35
CA VAL A 529 -3.64 10.63 17.81
C VAL A 529 -3.36 11.82 18.71
N THR A 530 -3.43 11.57 20.01
CA THR A 530 -3.24 12.59 21.03
C THR A 530 -1.79 12.91 21.36
N LEU A 531 -1.53 14.19 21.58
CA LEU A 531 -0.19 14.63 21.97
C LEU A 531 -0.24 14.82 23.48
N SER A 532 0.49 13.97 24.20
CA SER A 532 0.57 13.99 25.66
C SER A 532 0.65 12.55 26.17
C1 NAG B . -15.88 15.96 -16.96
C2 NAG B . -16.31 16.35 -18.37
C3 NAG B . -15.21 15.94 -19.37
C4 NAG B . -13.89 16.63 -18.99
C5 NAG B . -13.56 16.24 -17.55
C6 NAG B . -12.29 16.89 -17.03
C7 NAG B . -18.42 16.37 -19.50
C8 NAG B . -18.37 16.03 -20.99
N2 NAG B . -17.56 15.73 -18.71
O3 NAG B . -15.60 16.28 -20.69
O4 NAG B . -12.83 16.20 -19.87
O5 NAG B . -14.63 16.61 -16.64
O6 NAG B . -11.94 18.01 -17.83
O7 NAG B . -19.22 17.22 -19.09
C1 NAG B . -12.60 16.90 -21.06
C2 NAG B . -11.08 17.20 -21.20
C3 NAG B . -10.76 17.77 -22.59
C4 NAG B . -11.29 16.82 -23.67
C5 NAG B . -12.78 16.61 -23.45
C6 NAG B . -13.37 15.65 -24.47
C7 NAG B . -9.52 17.98 -19.54
C8 NAG B . -8.29 18.69 -20.09
N2 NAG B . -10.67 18.16 -20.19
O3 NAG B . -9.36 17.94 -22.75
O4 NAG B . -11.04 17.36 -24.97
O5 NAG B . -13.03 16.04 -22.14
O6 NAG B . -14.39 14.86 -23.89
O7 NAG B . -9.42 17.27 -18.53
C1 NAG C . 11.29 4.39 21.14
C2 NAG C . 12.71 4.97 21.34
C3 NAG C . 13.37 4.44 22.63
C4 NAG C . 12.45 4.63 23.83
C5 NAG C . 11.10 3.96 23.50
C6 NAG C . 10.08 4.10 24.61
C7 NAG C . 14.02 5.53 19.41
C8 NAG C . 15.22 6.34 19.90
N2 NAG C . 13.54 4.60 20.21
O3 NAG C . 14.58 5.14 22.88
O4 NAG C . 13.05 4.02 25.00
O5 NAG C . 10.52 4.59 22.34
O6 NAG C . 9.52 5.41 24.59
O7 NAG C . 13.56 5.77 18.30
C1 NAG C . 13.24 4.83 26.11
C2 NAG C . 13.29 3.97 27.36
C3 NAG C . 13.60 4.82 28.59
C4 NAG C . 14.87 5.62 28.37
C5 NAG C . 14.77 6.41 27.07
C6 NAG C . 16.10 7.09 26.76
C7 NAG C . 11.98 1.99 27.73
C8 NAG C . 12.07 1.50 29.17
N2 NAG C . 12.01 3.30 27.53
O3 NAG C . 13.77 3.97 29.72
O4 NAG C . 15.10 6.49 29.47
O5 NAG C . 14.49 5.53 25.95
O6 NAG C . 15.98 7.94 25.63
O7 NAG C . 11.92 1.18 26.81
C1 NAG D . 5.63 15.34 26.61
C2 NAG D . 6.36 16.70 26.61
C3 NAG D . 7.46 16.83 27.68
C4 NAG D . 7.01 16.26 29.02
C5 NAG D . 6.56 14.82 28.80
C6 NAG D . 6.19 14.11 30.09
C7 NAG D . 6.44 17.79 24.47
C8 NAG D . 7.38 18.88 23.97
N2 NAG D . 6.95 16.90 25.30
O3 NAG D . 7.81 18.19 27.85
O4 NAG D . 8.07 16.31 29.95
O5 NAG D . 5.38 14.82 27.94
O6 NAG D . 5.02 14.68 30.68
O7 NAG D . 5.27 17.78 24.10
CA CA E . 2.31 -13.88 -17.47
C1 DAN F . -3.07 -11.92 0.28
C2 DAN F . -3.10 -11.68 -1.13
C3 DAN F . -4.40 -11.25 -1.76
C4 DAN F . -4.17 -10.61 -3.16
C5 DAN F . -3.05 -11.30 -3.90
C6 DAN F . -1.77 -11.17 -3.04
C7 DAN F . -0.55 -11.85 -3.69
C8 DAN F . 0.73 -11.66 -2.89
C9 DAN F . 1.95 -12.37 -3.53
C10 DAN F . -3.03 -11.24 -6.38
C11 DAN F . -2.87 -10.43 -7.65
N5 DAN F . -2.93 -10.63 -5.20
O1A DAN F . -4.21 -12.08 1.03
O1B DAN F . -1.93 -11.98 0.90
O4 DAN F . -5.39 -10.70 -3.90
O6 DAN F . -1.98 -11.83 -1.77
O7 DAN F . -0.75 -13.25 -3.75
O8 DAN F . 1.02 -10.25 -2.81
O9 DAN F . 2.18 -12.04 -4.87
O10 DAN F . -3.28 -12.58 -6.51
#